data_7BMD
#
_entry.id   7BMD
#
_cell.length_a   60.500
_cell.length_b   73.170
_cell.length_c   79.380
_cell.angle_alpha   90.000
_cell.angle_beta   90.000
_cell.angle_gamma   90.000
#
_symmetry.space_group_name_H-M   'P 21 21 21'
#
loop_
_entity.id
_entity.type
_entity.pdbx_description
1 polymer 'Palmitoleoyl-protein carboxylesterase NOTUM'
2 non-polymer 'SULFATE ION'
3 non-polymer GLYCEROL
4 non-polymer 2-acetamido-2-deoxy-beta-D-glucopyranose
5 non-polymer 2-methyl-4-(phenylmethyl)-1,2,4-thiadiazolidine-3,5-dione
6 non-polymer 'DIMETHYL SULFOXIDE'
7 water water
#
_entity_poly.entity_id   1
_entity_poly.type   'polypeptide(L)'
_entity_poly.pdbx_seq_one_letter_code
;ETGSAQQLNEDLRLHLLLNTSVTCNDGSPAGYYLKESRGSRRWLLFLEGGWYCFNRENCDSRYDTMRRLMSSRDWPRTRT
GTGILSSQPEENPYWWNANMVFIPYCSSDVWSGASSKSEKNEYAFMGALIIQEVVRELLGRGLSGAKVLLLAGSSAGGTG
VLLNVDRVAEQLEKLGYPAIQVRGLADSGWFLDNKQYRHTDCVDTITCAPTEAIRRGIRYWNGVVPERCRRQFQEGEEWN
CFFGYKVYPTLRSPVFVVQWLFDEAQLTVDNVHLTGQPVQEGLRLYIQNLGRELRHTLKDVPASFAPACLSHEIIIRSHW
TDVQVKGTSLPRALHCWDRSLHDSHKASKTPLKGCPVHLVDSCPWPHCNPSCPTGTKHHHHHH
;
_entity_poly.pdbx_strand_id   A
#
loop_
_chem_comp.id
_chem_comp.type
_chem_comp.name
_chem_comp.formula
DMS non-polymer 'DIMETHYL SULFOXIDE' 'C2 H6 O S'
GOL non-polymer GLYCEROL 'C3 H8 O3'
NAG D-saccharide, beta linking 2-acetamido-2-deoxy-beta-D-glucopyranose 'C8 H15 N O6'
SO4 non-polymer 'SULFATE ION' 'O4 S -2'
U3W non-polymer 2-methyl-4-(phenylmethyl)-1,2,4-thiadiazolidine-3,5-dione 'C10 H10 N2 O2 S'
#
# COMPACT_ATOMS: atom_id res chain seq x y z
N ASP A 11 11.26 -12.41 -14.67
CA ASP A 11 10.27 -11.48 -15.19
C ASP A 11 8.83 -11.96 -14.89
N LEU A 12 7.94 -11.00 -14.64
CA LEU A 12 6.51 -11.24 -14.53
C LEU A 12 5.86 -10.85 -15.85
N ARG A 13 4.90 -11.65 -16.31
CA ARG A 13 4.27 -11.49 -17.62
C ARG A 13 2.87 -10.87 -17.50
N LEU A 14 2.58 -9.94 -18.42
CA LEU A 14 1.31 -9.20 -18.39
C LEU A 14 0.12 -10.05 -18.86
N HIS A 15 -0.98 -9.94 -18.12
CA HIS A 15 -2.28 -10.46 -18.52
C HIS A 15 -3.31 -9.34 -18.38
N LEU A 16 -3.98 -8.98 -19.48
CA LEU A 16 -5.09 -8.03 -19.40
C LEU A 16 -6.35 -8.75 -18.95
N LEU A 17 -7.18 -8.05 -18.17
CA LEU A 17 -8.35 -8.71 -17.59
C LEU A 17 -9.28 -9.24 -18.67
N LEU A 18 -9.78 -10.46 -18.46
CA LEU A 18 -10.72 -11.06 -19.41
C LEU A 18 -12.06 -10.35 -19.38
N ASN A 19 -12.46 -9.81 -18.22
CA ASN A 19 -13.65 -8.97 -18.11
C ASN A 19 -13.24 -7.55 -18.46
N THR A 20 -13.47 -7.15 -19.71
CA THR A 20 -13.00 -5.85 -20.20
C THR A 20 -13.89 -4.69 -19.75
N SER A 21 -14.94 -4.94 -18.96
CA SER A 21 -15.68 -3.87 -18.29
C SER A 21 -14.99 -3.36 -17.04
N VAL A 22 -13.93 -4.02 -16.58
CA VAL A 22 -13.15 -3.56 -15.44
C VAL A 22 -11.92 -2.84 -16.01
N THR A 23 -11.92 -1.50 -15.92
CA THR A 23 -11.05 -0.68 -16.75
C THR A 23 -10.18 0.30 -15.94
N CYS A 24 -9.08 0.71 -16.58
CA CYS A 24 -8.32 1.88 -16.18
C CYS A 24 -9.14 3.16 -16.41
N ASN A 25 -8.57 4.31 -16.00
CA ASN A 25 -9.28 5.60 -16.09
C ASN A 25 -9.88 5.85 -17.48
N ASP A 26 -9.16 5.55 -18.55
CA ASP A 26 -9.60 5.92 -19.91
C ASP A 26 -10.46 4.87 -20.59
N GLY A 27 -10.84 3.80 -19.89
CA GLY A 27 -11.66 2.75 -20.47
C GLY A 27 -10.91 1.58 -21.05
N SER A 28 -9.58 1.65 -21.11
CA SER A 28 -8.78 0.50 -21.54
C SER A 28 -8.78 -0.56 -20.44
N PRO A 29 -8.55 -1.82 -20.77
CA PRO A 29 -8.63 -2.88 -19.75
C PRO A 29 -7.53 -2.76 -18.70
N ALA A 30 -7.89 -3.04 -17.45
CA ALA A 30 -6.88 -3.18 -16.42
C ALA A 30 -6.21 -4.56 -16.55
N GLY A 31 -5.29 -4.88 -15.64
CA GLY A 31 -4.53 -6.11 -15.78
C GLY A 31 -3.63 -6.37 -14.59
N TYR A 32 -2.78 -7.38 -14.75
CA TYR A 32 -1.81 -7.78 -13.72
C TYR A 32 -0.63 -8.47 -14.38
N TYR A 33 0.53 -8.44 -13.71
CA TYR A 33 1.73 -9.16 -14.13
C TYR A 33 1.94 -10.35 -13.18
N LEU A 34 2.22 -11.54 -13.74
CA LEU A 34 2.28 -12.78 -12.96
C LEU A 34 3.56 -13.59 -13.26
N LYS A 35 4.18 -14.11 -12.20
CA LYS A 35 5.17 -15.17 -12.31
C LYS A 35 4.78 -16.29 -11.36
N GLU A 36 4.39 -17.44 -11.91
CA GLU A 36 3.96 -18.56 -11.08
C GLU A 36 5.16 -19.33 -10.53
N SER A 37 4.94 -19.96 -9.37
CA SER A 37 5.94 -20.83 -8.73
C SER A 37 5.23 -22.13 -8.36
N ARG A 38 5.44 -23.16 -9.17
CA ARG A 38 4.61 -24.36 -9.11
C ARG A 38 4.74 -25.09 -7.77
N GLY A 39 5.88 -24.97 -7.10
CA GLY A 39 6.03 -25.68 -5.83
C GLY A 39 5.61 -24.92 -4.59
N SER A 40 4.82 -23.85 -4.74
CA SER A 40 4.52 -22.97 -3.60
C SER A 40 3.02 -22.73 -3.47
N ARG A 41 2.55 -22.70 -2.22
CA ARG A 41 1.17 -22.32 -1.92
C ARG A 41 1.06 -20.91 -1.33
N ARG A 42 2.09 -20.09 -1.49
CA ARG A 42 2.06 -18.69 -1.08
C ARG A 42 1.87 -17.78 -2.28
N TRP A 43 1.00 -16.78 -2.15
CA TRP A 43 0.70 -15.83 -3.22
C TRP A 43 0.86 -14.40 -2.70
N LEU A 44 1.66 -13.60 -3.40
CA LEU A 44 1.90 -12.20 -3.05
CA LEU A 44 1.90 -12.20 -3.05
C LEU A 44 1.30 -11.32 -4.14
N LEU A 45 0.31 -10.49 -3.77
CA LEU A 45 -0.34 -9.57 -4.70
C LEU A 45 0.00 -8.14 -4.27
N PHE A 46 0.78 -7.44 -5.11
CA PHE A 46 1.33 -6.12 -4.78
C PHE A 46 0.58 -5.00 -5.52
N LEU A 47 0.10 -4.01 -4.77
CA LEU A 47 -0.56 -2.81 -5.32
C LEU A 47 0.43 -1.64 -5.51
N GLU A 48 0.62 -1.23 -6.76
CA GLU A 48 1.45 -0.07 -7.08
C GLU A 48 0.85 1.23 -6.52
N GLY A 49 1.72 2.21 -6.24
CA GLY A 49 1.30 3.56 -5.87
C GLY A 49 1.50 4.58 -6.98
N GLY A 50 1.34 5.86 -6.60
CA GLY A 50 1.47 6.98 -7.52
C GLY A 50 0.47 8.12 -7.42
N TRP A 51 0.24 8.64 -6.22
CA TRP A 51 -0.64 9.81 -5.96
C TRP A 51 -2.08 9.47 -6.40
N TYR A 52 -2.83 10.45 -6.93
CA TYR A 52 -4.23 10.31 -7.31
C TYR A 52 -4.64 11.59 -8.03
N CYS A 53 -5.88 11.63 -8.54
CA CYS A 53 -6.43 12.88 -9.06
C CYS A 53 -7.88 13.00 -8.60
N PHE A 54 -8.37 14.25 -8.43
CA PHE A 54 -9.63 14.45 -7.73
C PHE A 54 -10.67 15.35 -8.41
N ASN A 55 -10.43 15.85 -9.62
CA ASN A 55 -11.46 16.56 -10.38
C ASN A 55 -11.09 16.47 -11.86
N ARG A 56 -11.97 17.00 -12.71
CA ARG A 56 -11.77 16.90 -14.16
C ARG A 56 -10.45 17.54 -14.59
N GLU A 57 -10.21 18.78 -14.14
CA GLU A 57 -9.02 19.50 -14.60
C GLU A 57 -7.74 18.84 -14.11
N ASN A 58 -7.71 18.38 -12.87
CA ASN A 58 -6.52 17.71 -12.31
CA ASN A 58 -6.46 17.76 -12.44
C ASN A 58 -6.27 16.35 -12.99
N CYS A 59 -7.36 15.61 -13.27
CA CYS A 59 -7.19 14.32 -13.96
C CYS A 59 -6.77 14.52 -15.42
N ASP A 60 -7.27 15.57 -16.09
CA ASP A 60 -6.84 15.87 -17.47
C ASP A 60 -5.34 16.13 -17.52
N SER A 61 -4.81 16.87 -16.54
CA SER A 61 -3.37 17.14 -16.50
C SER A 61 -2.57 15.86 -16.30
N ARG A 62 -3.01 15.00 -15.39
CA ARG A 62 -2.36 13.70 -15.16
C ARG A 62 -2.37 12.85 -16.44
N TYR A 63 -3.41 12.95 -17.26
CA TYR A 63 -3.47 12.18 -18.49
C TYR A 63 -2.43 12.62 -19.52
N ASP A 64 -1.99 13.89 -19.45
CA ASP A 64 -1.00 14.39 -20.38
C ASP A 64 0.40 13.88 -20.07
N THR A 65 0.77 13.77 -18.80
CA THR A 65 2.15 13.51 -18.43
C THR A 65 2.35 12.32 -17.48
N MET A 66 1.29 11.62 -17.09
CA MET A 66 1.40 10.40 -16.29
C MET A 66 0.42 9.35 -16.82
N ARG A 67 0.45 9.16 -18.15
CA ARG A 67 -0.61 8.38 -18.79
C ARG A 67 -0.58 6.90 -18.44
N ARG A 68 0.61 6.33 -18.16
CA ARG A 68 0.66 4.92 -17.77
C ARG A 68 -0.06 4.65 -16.45
N LEU A 69 -0.26 5.68 -15.63
CA LEU A 69 -1.07 5.58 -14.41
C LEU A 69 -2.56 5.79 -14.66
N MET A 70 -2.97 5.87 -15.93
CA MET A 70 -4.37 6.10 -16.27
C MET A 70 -4.85 5.24 -17.43
N SER A 71 -4.02 4.34 -17.96
CA SER A 71 -4.28 3.67 -19.22
C SER A 71 -3.32 2.48 -19.35
N SER A 72 -3.79 1.40 -19.99
CA SER A 72 -2.94 0.24 -20.26
C SER A 72 -2.41 0.21 -21.69
N ARG A 73 -2.71 1.24 -22.50
CA ARG A 73 -2.41 1.17 -23.92
C ARG A 73 -0.91 1.06 -24.20
N ASP A 74 -0.06 1.59 -23.31
CA ASP A 74 1.37 1.63 -23.53
C ASP A 74 2.15 0.75 -22.55
N TRP A 75 1.47 -0.17 -21.86
CA TRP A 75 2.16 -1.02 -20.89
C TRP A 75 3.08 -2.02 -21.60
N PRO A 76 4.21 -2.37 -21.00
CA PRO A 76 5.09 -3.38 -21.58
C PRO A 76 4.62 -4.81 -21.26
N ARG A 77 5.15 -5.77 -22.04
CA ARG A 77 4.75 -7.16 -21.95
C ARG A 77 5.25 -7.81 -20.66
N THR A 78 6.34 -7.31 -20.08
CA THR A 78 6.94 -7.90 -18.90
C THR A 78 7.43 -6.79 -17.97
N ARG A 79 7.66 -7.17 -16.72
CA ARG A 79 8.28 -6.32 -15.71
C ARG A 79 9.17 -7.20 -14.83
N THR A 80 10.28 -6.62 -14.36
CA THR A 80 11.19 -7.35 -13.49
C THR A 80 10.73 -7.24 -12.04
N GLY A 81 10.71 -8.37 -11.33
CA GLY A 81 10.37 -8.35 -9.92
C GLY A 81 11.56 -7.94 -9.06
N THR A 82 11.35 -6.97 -8.17
CA THR A 82 12.41 -6.43 -7.33
C THR A 82 11.97 -6.44 -5.86
N GLY A 83 12.95 -6.51 -4.96
CA GLY A 83 12.66 -6.50 -3.54
C GLY A 83 11.84 -7.73 -3.15
N ILE A 84 10.71 -7.48 -2.47
CA ILE A 84 9.81 -8.56 -2.04
C ILE A 84 9.20 -9.31 -3.23
N LEU A 85 9.22 -8.74 -4.44
CA LEU A 85 8.79 -9.44 -5.66
C LEU A 85 9.93 -10.19 -6.38
N SER A 86 11.16 -10.17 -5.86
CA SER A 86 12.24 -10.92 -6.46
C SER A 86 12.16 -12.41 -6.12
N SER A 87 12.57 -13.25 -7.07
CA SER A 87 12.61 -14.71 -6.91
C SER A 87 13.99 -15.23 -6.51
N GLN A 88 14.96 -14.33 -6.22
CA GLN A 88 16.29 -14.73 -5.79
C GLN A 88 16.41 -14.61 -4.28
N PRO A 89 16.83 -15.67 -3.57
CA PRO A 89 16.89 -15.57 -2.09
C PRO A 89 17.85 -14.50 -1.59
N GLU A 90 18.89 -14.17 -2.36
CA GLU A 90 19.82 -13.13 -1.92
C GLU A 90 19.14 -11.77 -1.86
N GLU A 91 18.25 -11.49 -2.81
CA GLU A 91 17.51 -10.23 -2.79
C GLU A 91 16.26 -10.28 -1.93
N ASN A 92 15.65 -11.46 -1.77
CA ASN A 92 14.37 -11.63 -1.08
C ASN A 92 14.46 -12.80 -0.11
N PRO A 93 15.02 -12.59 1.08
CA PRO A 93 15.11 -13.68 2.06
C PRO A 93 13.75 -14.14 2.57
N TYR A 94 12.71 -13.33 2.43
CA TYR A 94 11.41 -13.61 3.03
C TYR A 94 10.60 -14.62 2.22
N TRP A 95 10.23 -14.27 0.98
CA TRP A 95 9.24 -15.02 0.19
C TRP A 95 9.73 -15.29 -1.24
N TRP A 96 11.03 -15.59 -1.42
CA TRP A 96 11.57 -15.73 -2.77
C TRP A 96 10.91 -16.82 -3.61
N ASN A 97 10.30 -17.84 -2.99
CA ASN A 97 9.69 -18.93 -3.74
C ASN A 97 8.19 -18.76 -3.99
N ALA A 98 7.61 -17.61 -3.64
CA ALA A 98 6.18 -17.40 -3.76
C ALA A 98 5.75 -17.17 -5.21
N ASN A 99 4.45 -17.36 -5.45
CA ASN A 99 3.83 -16.87 -6.68
C ASN A 99 3.71 -15.34 -6.61
N MET A 100 4.19 -14.64 -7.64
CA MET A 100 4.36 -13.18 -7.60
C MET A 100 3.38 -12.47 -8.53
N VAL A 101 2.67 -11.46 -8.01
CA VAL A 101 1.72 -10.68 -8.81
C VAL A 101 1.92 -9.18 -8.56
N PHE A 102 2.12 -8.41 -9.64
CA PHE A 102 2.21 -6.95 -9.59
C PHE A 102 0.96 -6.39 -10.28
N ILE A 103 0.14 -5.64 -9.55
CA ILE A 103 -1.09 -5.06 -10.09
C ILE A 103 -0.84 -3.58 -10.38
N PRO A 104 -0.77 -3.15 -11.65
CA PRO A 104 -0.54 -1.73 -11.93
C PRO A 104 -1.67 -0.84 -11.46
N TYR A 105 -1.30 0.35 -11.00
CA TYR A 105 -2.22 1.38 -10.51
C TYR A 105 -2.60 2.25 -11.70
N CYS A 106 -3.83 2.06 -12.23
CA CYS A 106 -4.30 2.86 -13.36
C CYS A 106 -5.68 3.47 -13.12
N SER A 107 -6.08 3.62 -11.85
CA SER A 107 -7.40 4.15 -11.47
C SER A 107 -7.36 5.47 -10.69
N SER A 108 -6.18 5.94 -10.25
CA SER A 108 -6.01 7.30 -9.70
C SER A 108 -6.93 7.61 -8.52
N ASP A 109 -7.32 6.57 -7.75
CA ASP A 109 -8.38 6.66 -6.75
C ASP A 109 -7.97 6.04 -5.41
N VAL A 110 -6.67 5.89 -5.14
CA VAL A 110 -6.18 5.22 -3.93
C VAL A 110 -6.83 3.83 -3.79
N TRP A 111 -7.13 3.18 -4.92
CA TRP A 111 -7.68 1.82 -4.92
C TRP A 111 -9.07 1.73 -4.29
N SER A 112 -9.85 2.82 -4.31
CA SER A 112 -11.13 2.88 -3.62
C SER A 112 -12.36 2.94 -4.53
N GLY A 113 -12.18 3.13 -5.84
CA GLY A 113 -13.31 3.51 -6.68
C GLY A 113 -14.16 2.34 -7.15
N ALA A 114 -15.43 2.64 -7.42
CA ALA A 114 -16.36 1.71 -8.04
C ALA A 114 -17.30 2.49 -8.98
N SER A 115 -16.73 3.08 -10.04
CA SER A 115 -17.48 3.90 -10.98
C SER A 115 -16.96 3.72 -12.39
N SER A 116 -17.86 3.49 -13.35
CA SER A 116 -17.52 3.26 -14.75
C SER A 116 -17.53 4.56 -15.55
N LYS A 117 -16.78 4.55 -16.66
CA LYS A 117 -16.85 5.65 -17.61
C LYS A 117 -18.16 5.57 -18.40
N SER A 118 -18.78 6.72 -18.67
CA SER A 118 -20.12 6.74 -19.26
C SER A 118 -20.38 8.11 -19.87
N GLU A 119 -21.63 8.34 -20.28
CA GLU A 119 -22.01 9.64 -20.82
C GLU A 119 -21.93 10.75 -19.77
N LYS A 120 -21.92 10.40 -18.49
CA LYS A 120 -21.85 11.36 -17.39
C LYS A 120 -20.47 11.45 -16.74
N ASN A 121 -19.57 10.51 -17.04
CA ASN A 121 -18.28 10.42 -16.37
C ASN A 121 -17.19 10.33 -17.44
N GLU A 122 -16.32 11.34 -17.50
CA GLU A 122 -15.20 11.32 -18.44
C GLU A 122 -14.22 10.19 -18.13
N TYR A 123 -14.05 9.85 -16.85
CA TYR A 123 -13.09 8.82 -16.44
C TYR A 123 -13.79 7.74 -15.61
N ALA A 124 -13.23 6.53 -15.67
CA ALA A 124 -13.65 5.43 -14.81
C ALA A 124 -12.72 5.37 -13.59
N PHE A 125 -13.30 5.16 -12.40
CA PHE A 125 -12.52 4.99 -11.17
C PHE A 125 -12.92 3.64 -10.57
N MET A 126 -12.12 2.60 -10.83
CA MET A 126 -12.54 1.22 -10.55
C MET A 126 -11.53 0.43 -9.67
N GLY A 127 -10.69 1.12 -8.89
CA GLY A 127 -9.63 0.44 -8.16
C GLY A 127 -10.10 -0.71 -7.28
N ALA A 128 -11.21 -0.51 -6.56
CA ALA A 128 -11.71 -1.59 -5.69
C ALA A 128 -12.18 -2.79 -6.50
N LEU A 129 -12.75 -2.55 -7.67
CA LEU A 129 -13.22 -3.63 -8.54
C LEU A 129 -12.07 -4.32 -9.28
N ILE A 130 -11.00 -3.58 -9.60
CA ILE A 130 -9.82 -4.19 -10.23
C ILE A 130 -9.23 -5.27 -9.31
N ILE A 131 -9.06 -4.94 -8.02
CA ILE A 131 -8.56 -5.94 -7.06
C ILE A 131 -9.44 -7.18 -7.05
N GLN A 132 -10.77 -7.01 -6.93
CA GLN A 132 -11.66 -8.16 -6.88
C GLN A 132 -11.58 -8.99 -8.16
N GLU A 133 -11.47 -8.34 -9.32
CA GLU A 133 -11.44 -9.08 -10.57
C GLU A 133 -10.13 -9.83 -10.76
N VAL A 134 -9.00 -9.24 -10.33
CA VAL A 134 -7.72 -9.95 -10.35
C VAL A 134 -7.80 -11.22 -9.50
N VAL A 135 -8.34 -11.10 -8.29
CA VAL A 135 -8.46 -12.27 -7.41
C VAL A 135 -9.32 -13.35 -8.07
N ARG A 136 -10.45 -12.96 -8.66
CA ARG A 136 -11.34 -13.93 -9.31
C ARG A 136 -10.64 -14.66 -10.44
N GLU A 137 -9.91 -13.93 -11.29
CA GLU A 137 -9.27 -14.57 -12.45
C GLU A 137 -8.06 -15.41 -12.05
N LEU A 138 -7.37 -15.03 -10.97
CA LEU A 138 -6.25 -15.84 -10.48
C LEU A 138 -6.70 -17.19 -9.92
N LEU A 139 -7.94 -17.29 -9.42
CA LEU A 139 -8.39 -18.55 -8.84
C LEU A 139 -8.33 -19.69 -9.84
N GLY A 140 -8.50 -19.38 -11.13
CA GLY A 140 -8.37 -20.38 -12.18
C GLY A 140 -6.95 -20.68 -12.61
N ARG A 141 -5.98 -19.90 -12.13
CA ARG A 141 -4.57 -20.06 -12.49
C ARG A 141 -3.73 -20.59 -11.34
N GLY A 142 -4.35 -21.11 -10.28
CA GLY A 142 -3.63 -21.73 -9.18
C GLY A 142 -3.91 -21.14 -7.82
N LEU A 143 -4.49 -19.94 -7.73
CA LEU A 143 -4.78 -19.36 -6.42
C LEU A 143 -5.75 -20.21 -5.61
N SER A 144 -6.56 -21.04 -6.27
CA SER A 144 -7.50 -21.90 -5.56
C SER A 144 -6.80 -22.88 -4.60
N GLY A 145 -5.53 -23.18 -4.83
CA GLY A 145 -4.77 -24.06 -3.97
C GLY A 145 -3.90 -23.36 -2.93
N ALA A 146 -4.04 -22.04 -2.76
CA ALA A 146 -3.17 -21.28 -1.87
C ALA A 146 -3.46 -21.59 -0.40
N LYS A 147 -2.43 -21.44 0.43
CA LYS A 147 -2.65 -21.41 1.88
C LYS A 147 -2.58 -20.00 2.46
N VAL A 148 -1.82 -19.08 1.83
CA VAL A 148 -1.72 -17.69 2.29
C VAL A 148 -1.76 -16.79 1.07
N LEU A 149 -2.60 -15.75 1.14
CA LEU A 149 -2.62 -14.66 0.16
C LEU A 149 -2.22 -13.39 0.92
N LEU A 150 -1.04 -12.83 0.59
CA LEU A 150 -0.55 -11.60 1.20
C LEU A 150 -0.83 -10.45 0.22
N LEU A 151 -1.73 -9.55 0.60
CA LEU A 151 -2.02 -8.33 -0.18
C LEU A 151 -1.09 -7.22 0.33
N ALA A 152 -0.15 -6.79 -0.51
CA ALA A 152 0.89 -5.84 -0.16
C ALA A 152 0.76 -4.60 -1.05
N GLY A 153 1.42 -3.51 -0.65
CA GLY A 153 1.36 -2.29 -1.48
C GLY A 153 2.20 -1.18 -0.87
N SER A 154 2.62 -0.24 -1.74
CA SER A 154 3.44 0.90 -1.34
C SER A 154 2.77 2.24 -1.69
N SER A 155 2.86 3.20 -0.76
CA SER A 155 2.36 4.58 -0.95
C SER A 155 0.85 4.52 -1.11
N ALA A 156 0.25 5.04 -2.19
CA ALA A 156 -1.19 4.88 -2.40
C ALA A 156 -1.59 3.41 -2.39
N GLY A 157 -0.70 2.51 -2.82
CA GLY A 157 -0.98 1.09 -2.72
C GLY A 157 -0.99 0.55 -1.29
N GLY A 158 -0.20 1.18 -0.40
CA GLY A 158 -0.25 0.80 1.01
C GLY A 158 -1.57 1.19 1.67
N THR A 159 -2.05 2.41 1.41
CA THR A 159 -3.40 2.77 1.84
C THR A 159 -4.44 1.82 1.21
N GLY A 160 -4.23 1.46 -0.07
CA GLY A 160 -5.13 0.51 -0.73
C GLY A 160 -5.24 -0.84 -0.03
N VAL A 161 -4.11 -1.32 0.56
CA VAL A 161 -4.18 -2.55 1.35
C VAL A 161 -5.14 -2.39 2.51
N LEU A 162 -5.02 -1.29 3.26
CA LEU A 162 -5.90 -1.06 4.40
C LEU A 162 -7.37 -0.99 3.98
N LEU A 163 -7.64 -0.41 2.80
CA LEU A 163 -9.03 -0.25 2.35
C LEU A 163 -9.64 -1.52 1.78
N ASN A 164 -8.82 -2.50 1.34
CA ASN A 164 -9.30 -3.65 0.59
C ASN A 164 -9.04 -5.03 1.19
N VAL A 165 -8.16 -5.17 2.19
CA VAL A 165 -7.78 -6.50 2.67
C VAL A 165 -8.98 -7.29 3.21
N ASP A 166 -9.86 -6.65 3.99
CA ASP A 166 -11.01 -7.37 4.51
C ASP A 166 -12.03 -7.73 3.43
N ARG A 167 -12.09 -6.94 2.35
CA ARG A 167 -13.00 -7.27 1.24
C ARG A 167 -12.51 -8.48 0.46
N VAL A 168 -11.18 -8.61 0.26
CA VAL A 168 -10.63 -9.82 -0.35
C VAL A 168 -10.94 -11.05 0.49
N ALA A 169 -10.80 -10.94 1.82
CA ALA A 169 -11.10 -12.06 2.70
C ALA A 169 -12.57 -12.46 2.59
N GLU A 170 -13.48 -11.47 2.58
CA GLU A 170 -14.91 -11.75 2.45
C GLU A 170 -15.23 -12.39 1.10
N GLN A 171 -14.56 -11.91 0.04
CA GLN A 171 -14.78 -12.44 -1.30
C GLN A 171 -14.43 -13.92 -1.37
N LEU A 172 -13.27 -14.29 -0.84
CA LEU A 172 -12.86 -15.70 -0.88
C LEU A 172 -13.76 -16.58 -0.02
N GLU A 173 -14.26 -16.06 1.09
CA GLU A 173 -15.19 -16.83 1.92
C GLU A 173 -16.48 -17.10 1.18
N LYS A 174 -17.02 -16.07 0.51
CA LYS A 174 -18.31 -16.25 -0.17
C LYS A 174 -18.17 -17.14 -1.39
N LEU A 175 -16.99 -17.18 -2.00
CA LEU A 175 -16.75 -18.05 -3.16
C LEU A 175 -16.46 -19.50 -2.78
N GLY A 176 -16.37 -19.81 -1.49
CA GLY A 176 -16.18 -21.18 -1.05
C GLY A 176 -14.76 -21.59 -0.78
N TYR A 177 -13.86 -20.64 -0.47
CA TYR A 177 -12.46 -20.91 -0.19
C TYR A 177 -12.11 -20.41 1.21
N PRO A 178 -12.69 -20.99 2.26
CA PRO A 178 -12.43 -20.48 3.61
C PRO A 178 -11.05 -20.82 4.15
N ALA A 179 -10.31 -21.72 3.51
CA ALA A 179 -9.00 -22.15 4.01
C ALA A 179 -7.87 -21.22 3.63
N ILE A 180 -8.07 -20.32 2.67
CA ILE A 180 -7.02 -19.40 2.26
C ILE A 180 -6.92 -18.29 3.30
N GLN A 181 -5.75 -18.13 3.91
CA GLN A 181 -5.54 -17.09 4.92
C GLN A 181 -5.12 -15.79 4.23
N VAL A 182 -5.97 -14.76 4.35
CA VAL A 182 -5.70 -13.45 3.75
C VAL A 182 -5.05 -12.53 4.80
N ARG A 183 -3.95 -11.88 4.41
CA ARG A 183 -3.20 -10.96 5.28
C ARG A 183 -2.81 -9.73 4.49
N GLY A 184 -2.45 -8.65 5.18
CA GLY A 184 -2.01 -7.42 4.52
C GLY A 184 -0.64 -6.94 4.96
N LEU A 185 0.04 -6.26 4.03
CA LEU A 185 1.33 -5.59 4.28
C LEU A 185 1.27 -4.19 3.68
N ALA A 186 1.11 -3.16 4.54
CA ALA A 186 0.92 -1.78 4.09
C ALA A 186 2.22 -0.99 4.29
N ASP A 187 2.85 -0.61 3.19
CA ASP A 187 4.14 0.11 3.18
C ASP A 187 3.93 1.57 2.78
N SER A 188 4.31 2.49 3.67
CA SER A 188 4.31 3.93 3.36
C SER A 188 2.92 4.46 3.02
N GLY A 189 1.90 3.90 3.65
CA GLY A 189 0.54 4.37 3.45
C GLY A 189 -0.20 4.77 4.72
N TRP A 190 0.55 5.05 5.80
CA TRP A 190 0.04 5.36 7.14
C TRP A 190 0.32 6.84 7.43
N PHE A 191 -0.67 7.70 7.16
CA PHE A 191 -0.51 9.16 7.19
C PHE A 191 -1.25 9.79 8.37
N LEU A 192 -0.82 11.02 8.71
CA LEU A 192 -1.43 11.80 9.78
C LEU A 192 -2.19 12.98 9.20
N ASP A 193 -3.42 13.18 9.66
CA ASP A 193 -4.22 14.36 9.28
C ASP A 193 -3.88 15.54 10.20
N ASN A 194 -2.63 15.99 10.11
CA ASN A 194 -2.07 16.97 11.02
C ASN A 194 -2.12 18.38 10.44
N LYS A 195 -1.66 19.36 11.23
CA LYS A 195 -1.54 20.73 10.76
C LYS A 195 -0.25 20.89 9.96
N GLN A 196 -0.33 21.66 8.87
CA GLN A 196 0.85 21.95 8.06
C GLN A 196 1.81 22.88 8.80
N TYR A 197 3.10 22.76 8.46
CA TYR A 197 4.11 23.66 9.02
C TYR A 197 3.89 25.09 8.56
N ARG A 198 3.49 25.27 7.31
CA ARG A 198 3.24 26.60 6.77
C ARG A 198 2.21 26.48 5.67
N THR A 211 -6.87 16.99 3.73
CA THR A 211 -8.08 16.19 3.96
C THR A 211 -9.18 16.58 2.99
N GLU A 212 -9.15 17.84 2.51
CA GLU A 212 -10.21 18.30 1.62
C GLU A 212 -10.12 17.63 0.25
N ALA A 213 -8.90 17.39 -0.23
CA ALA A 213 -8.73 16.73 -1.53
C ALA A 213 -9.26 15.30 -1.50
N ILE A 214 -9.04 14.59 -0.38
CA ILE A 214 -9.59 13.24 -0.22
C ILE A 214 -11.11 13.29 -0.17
N ARG A 215 -11.66 14.25 0.58
CA ARG A 215 -13.11 14.39 0.61
C ARG A 215 -13.67 14.65 -0.78
N ARG A 216 -13.01 15.53 -1.55
CA ARG A 216 -13.42 15.77 -2.93
C ARG A 216 -13.29 14.50 -3.78
N GLY A 217 -12.16 13.80 -3.62
CA GLY A 217 -11.92 12.61 -4.42
C GLY A 217 -12.96 11.52 -4.21
N ILE A 218 -13.33 11.26 -2.95
CA ILE A 218 -14.30 10.21 -2.66
C ILE A 218 -15.60 10.44 -3.41
N ARG A 219 -16.08 11.69 -3.46
CA ARG A 219 -17.30 11.99 -4.20
C ARG A 219 -17.11 11.79 -5.69
N TYR A 220 -15.96 12.23 -6.23
CA TYR A 220 -15.71 12.14 -7.66
C TYR A 220 -15.54 10.68 -8.11
N TRP A 221 -15.00 9.83 -7.24
CA TRP A 221 -14.70 8.44 -7.58
C TRP A 221 -15.83 7.46 -7.24
N ASN A 222 -16.84 7.90 -6.50
CA ASN A 222 -17.74 6.98 -5.80
C ASN A 222 -16.93 5.98 -4.96
N GLY A 223 -16.04 6.53 -4.13
CA GLY A 223 -15.10 5.69 -3.41
C GLY A 223 -15.78 4.91 -2.28
N VAL A 224 -15.24 3.72 -2.01
CA VAL A 224 -15.79 2.83 -0.99
C VAL A 224 -14.73 2.55 0.07
N VAL A 225 -15.19 2.39 1.31
CA VAL A 225 -14.32 2.15 2.46
C VAL A 225 -14.81 0.91 3.20
N PRO A 226 -13.98 0.32 4.07
CA PRO A 226 -14.40 -0.89 4.80
C PRO A 226 -15.63 -0.66 5.66
N GLU A 227 -16.44 -1.73 5.80
CA GLU A 227 -17.80 -1.59 6.32
C GLU A 227 -17.84 -1.11 7.77
N ARG A 228 -17.05 -1.74 8.66
CA ARG A 228 -17.09 -1.33 10.06
C ARG A 228 -16.65 0.11 10.24
N CYS A 229 -15.61 0.53 9.50
CA CYS A 229 -15.17 1.92 9.56
C CYS A 229 -16.25 2.87 9.03
N ARG A 230 -16.92 2.49 7.93
CA ARG A 230 -18.02 3.29 7.40
C ARG A 230 -19.13 3.46 8.45
N ARG A 231 -19.44 2.40 9.18
CA ARG A 231 -20.51 2.48 10.17
C ARG A 231 -20.15 3.36 11.36
N GLN A 232 -18.86 3.45 11.71
CA GLN A 232 -18.42 4.33 12.80
C GLN A 232 -18.54 5.81 12.40
N PHE A 233 -18.01 6.18 11.25
CA PHE A 233 -17.89 7.59 10.88
C PHE A 233 -19.13 8.13 10.18
N GLN A 234 -19.87 7.27 9.47
CA GLN A 234 -21.15 7.58 8.83
C GLN A 234 -21.07 8.54 7.65
N GLU A 235 -22.24 8.88 7.09
CA GLU A 235 -22.30 9.58 5.81
C GLU A 235 -21.58 10.92 5.88
N GLY A 236 -20.84 11.23 4.81
CA GLY A 236 -20.09 12.46 4.72
C GLY A 236 -18.76 12.46 5.43
N GLU A 237 -18.46 11.44 6.24
CA GLU A 237 -17.23 11.40 7.02
C GLU A 237 -16.34 10.21 6.65
N GLU A 238 -16.61 9.57 5.52
CA GLU A 238 -15.85 8.39 5.12
C GLU A 238 -14.38 8.69 4.82
N TRP A 239 -14.03 9.95 4.56
CA TRP A 239 -12.63 10.31 4.37
C TRP A 239 -11.76 9.87 5.55
N ASN A 240 -12.35 9.79 6.76
CA ASN A 240 -11.58 9.39 7.93
C ASN A 240 -10.96 8.00 7.75
N CYS A 241 -11.62 7.13 6.98
CA CYS A 241 -11.15 5.74 6.81
C CYS A 241 -9.92 5.63 5.92
N PHE A 242 -9.46 6.72 5.29
CA PHE A 242 -8.22 6.72 4.53
C PHE A 242 -6.99 6.93 5.42
N PHE A 243 -7.20 7.22 6.72
CA PHE A 243 -6.10 7.44 7.65
C PHE A 243 -5.87 6.18 8.48
N GLY A 244 -4.65 5.61 8.35
CA GLY A 244 -4.36 4.30 8.93
C GLY A 244 -4.75 4.14 10.38
N TYR A 245 -4.41 5.13 11.23
CA TYR A 245 -4.65 4.97 12.66
C TYR A 245 -6.14 4.91 12.99
N LYS A 246 -7.01 5.38 12.08
CA LYS A 246 -8.46 5.31 12.27
C LYS A 246 -9.09 4.05 11.67
N VAL A 247 -8.60 3.56 10.53
CA VAL A 247 -9.18 2.37 9.89
C VAL A 247 -8.59 1.07 10.46
N TYR A 248 -7.30 1.04 10.79
CA TYR A 248 -6.66 -0.18 11.28
C TYR A 248 -7.39 -0.86 12.43
N PRO A 249 -7.81 -0.17 13.50
CA PRO A 249 -8.50 -0.87 14.61
C PRO A 249 -9.80 -1.55 14.20
N THR A 250 -10.37 -1.19 13.04
CA THR A 250 -11.63 -1.78 12.59
C THR A 250 -11.44 -3.05 11.77
N LEU A 251 -10.21 -3.41 11.41
CA LEU A 251 -9.95 -4.51 10.49
C LEU A 251 -9.84 -5.85 11.22
N ARG A 252 -10.29 -6.91 10.55
CA ARG A 252 -10.19 -8.25 11.09
C ARG A 252 -8.98 -9.06 10.60
N SER A 253 -8.53 -8.81 9.38
CA SER A 253 -7.39 -9.54 8.84
C SER A 253 -6.09 -9.05 9.49
N PRO A 254 -5.11 -9.94 9.69
CA PRO A 254 -3.80 -9.50 10.19
C PRO A 254 -3.13 -8.56 9.19
N VAL A 255 -2.61 -7.42 9.68
CA VAL A 255 -1.94 -6.43 8.84
C VAL A 255 -0.60 -6.01 9.48
N PHE A 256 0.48 -6.12 8.72
CA PHE A 256 1.81 -5.64 9.12
C PHE A 256 2.00 -4.25 8.53
N VAL A 257 2.38 -3.27 9.36
CA VAL A 257 2.50 -1.87 8.96
C VAL A 257 3.97 -1.47 8.89
N VAL A 258 4.42 -1.00 7.72
CA VAL A 258 5.75 -0.44 7.51
C VAL A 258 5.62 1.06 7.25
N GLN A 259 6.29 1.89 8.05
CA GLN A 259 6.18 3.34 7.88
C GLN A 259 7.45 4.04 8.38
N TRP A 260 8.13 4.79 7.50
CA TRP A 260 9.20 5.65 7.97
C TRP A 260 8.63 6.72 8.90
N LEU A 261 9.35 7.02 9.99
CA LEU A 261 8.83 7.99 10.95
C LEU A 261 8.80 9.40 10.37
N PHE A 262 9.68 9.71 9.43
CA PHE A 262 9.74 11.02 8.77
C PHE A 262 9.50 10.82 7.28
N ASP A 263 8.28 10.40 6.94
CA ASP A 263 7.97 10.05 5.55
C ASP A 263 7.99 11.29 4.64
N GLU A 264 8.65 11.16 3.48
CA GLU A 264 8.82 12.30 2.58
C GLU A 264 7.51 12.80 1.99
N ALA A 265 6.55 11.90 1.72
CA ALA A 265 5.26 12.35 1.20
C ALA A 265 4.48 13.11 2.27
N GLN A 266 4.52 12.62 3.51
CA GLN A 266 3.93 13.35 4.64
C GLN A 266 4.53 14.74 4.76
N LEU A 267 5.86 14.85 4.71
CA LEU A 267 6.50 16.15 4.85
C LEU A 267 6.16 17.08 3.68
N THR A 268 6.03 16.53 2.47
CA THR A 268 5.68 17.37 1.32
C THR A 268 4.30 17.99 1.48
N VAL A 269 3.31 17.19 1.88
CA VAL A 269 1.99 17.77 2.05
C VAL A 269 1.95 18.71 3.25
N ASP A 270 2.82 18.50 4.24
CA ASP A 270 2.97 19.41 5.38
C ASP A 270 3.75 20.69 5.05
N ASN A 271 4.24 20.82 3.81
CA ASN A 271 5.00 22.00 3.37
CA ASN A 271 4.99 22.01 3.38
C ASN A 271 6.32 22.16 4.13
N VAL A 272 7.04 21.06 4.28
CA VAL A 272 8.37 21.05 4.88
C VAL A 272 9.39 20.71 3.81
N HIS A 273 10.38 21.57 3.62
CA HIS A 273 11.44 21.35 2.64
C HIS A 273 12.79 21.66 3.29
N LEU A 274 13.62 20.62 3.43
CA LEU A 274 14.94 20.75 4.05
C LEU A 274 15.97 21.09 2.98
N THR A 275 16.75 22.15 3.24
CA THR A 275 17.65 22.71 2.24
C THR A 275 19.14 22.55 2.58
N GLY A 276 19.48 22.08 3.78
CA GLY A 276 20.85 21.98 4.21
C GLY A 276 21.33 23.13 5.07
N GLN A 277 20.57 24.23 5.14
CA GLN A 277 20.87 25.30 6.07
C GLN A 277 20.52 24.86 7.48
N PRO A 278 21.03 25.56 8.49
CA PRO A 278 20.64 25.23 9.87
C PRO A 278 19.13 25.33 10.05
N VAL A 279 18.54 24.24 10.55
CA VAL A 279 17.13 24.20 10.90
C VAL A 279 16.92 24.97 12.19
N GLN A 280 15.98 25.91 12.19
CA GLN A 280 15.74 26.72 13.36
C GLN A 280 14.69 26.08 14.26
N GLU A 281 14.42 26.72 15.41
CA GLU A 281 13.74 26.05 16.50
C GLU A 281 12.31 25.63 16.12
N GLY A 282 11.58 26.50 15.43
CA GLY A 282 10.20 26.17 15.08
C GLY A 282 10.07 24.92 14.23
N LEU A 283 10.93 24.80 13.22
CA LEU A 283 10.91 23.62 12.36
C LEU A 283 11.47 22.38 13.06
N ARG A 284 12.50 22.56 13.90
CA ARG A 284 13.03 21.45 14.68
C ARG A 284 11.93 20.81 15.53
N LEU A 285 11.19 21.64 16.26
CA LEU A 285 10.10 21.15 17.10
C LEU A 285 9.00 20.51 16.25
N TYR A 286 8.69 21.08 15.08
CA TYR A 286 7.67 20.49 14.21
C TYR A 286 8.05 19.07 13.79
N ILE A 287 9.29 18.90 13.32
CA ILE A 287 9.78 17.58 12.87
C ILE A 287 9.81 16.58 14.02
N GLN A 288 10.30 17.01 15.19
CA GLN A 288 10.35 16.10 16.34
C GLN A 288 8.95 15.68 16.78
N ASN A 289 7.99 16.61 16.78
CA ASN A 289 6.62 16.28 17.15
CA ASN A 289 6.64 16.25 17.17
C ASN A 289 5.98 15.32 16.15
N LEU A 290 6.29 15.46 14.86
CA LEU A 290 5.76 14.55 13.85
C LEU A 290 6.22 13.12 14.12
N GLY A 291 7.51 12.92 14.39
CA GLY A 291 7.98 11.57 14.69
C GLY A 291 7.36 11.00 15.96
N ARG A 292 7.21 11.83 17.00
CA ARG A 292 6.58 11.37 18.22
C ARG A 292 5.12 10.97 18.01
N GLU A 293 4.38 11.74 17.20
CA GLU A 293 2.99 11.40 16.92
C GLU A 293 2.90 10.10 16.13
N LEU A 294 3.75 9.92 15.12
CA LEU A 294 3.72 8.68 14.34
C LEU A 294 4.01 7.49 15.25
N ARG A 295 5.04 7.60 16.08
CA ARG A 295 5.38 6.51 17.00
C ARG A 295 4.22 6.20 17.94
N HIS A 296 3.51 7.24 18.42
CA HIS A 296 2.35 7.02 19.28
C HIS A 296 1.25 6.22 18.59
N THR A 297 0.96 6.53 17.32
CA THR A 297 -0.11 5.81 16.61
C THR A 297 0.21 4.34 16.40
N LEU A 298 1.48 3.95 16.50
CA LEU A 298 1.89 2.56 16.29
C LEU A 298 2.04 1.78 17.60
N LYS A 299 1.80 2.43 18.75
CA LYS A 299 2.08 1.76 20.03
C LYS A 299 1.30 0.45 20.16
N ASP A 300 0.06 0.42 19.70
CA ASP A 300 -0.80 -0.75 19.81
C ASP A 300 -0.95 -1.51 18.48
N VAL A 301 0.04 -1.41 17.60
CA VAL A 301 0.07 -2.18 16.35
C VAL A 301 1.12 -3.25 16.52
N PRO A 302 0.74 -4.51 16.79
CA PRO A 302 1.75 -5.53 17.17
C PRO A 302 2.69 -5.97 16.06
N ALA A 303 2.33 -5.82 14.79
CA ALA A 303 3.23 -6.16 13.68
C ALA A 303 3.56 -4.87 12.92
N SER A 304 4.76 -4.33 13.15
CA SER A 304 5.10 -3.03 12.57
C SER A 304 6.62 -2.84 12.50
N PHE A 305 7.05 -2.01 11.54
CA PHE A 305 8.47 -1.72 11.30
C PHE A 305 8.57 -0.25 10.93
N ALA A 306 9.16 0.57 11.80
CA ALA A 306 9.12 2.02 11.67
C ALA A 306 10.45 2.67 12.01
N PRO A 307 11.36 2.79 11.03
CA PRO A 307 12.68 3.37 11.30
C PRO A 307 12.67 4.90 11.26
N ALA A 308 13.61 5.48 12.04
CA ALA A 308 13.74 6.94 12.14
C ALA A 308 14.58 7.49 10.98
N CYS A 309 13.96 7.50 9.79
CA CYS A 309 14.61 7.95 8.57
C CYS A 309 13.69 8.84 7.76
N LEU A 310 14.30 9.73 6.97
CA LEU A 310 13.62 10.52 5.94
C LEU A 310 13.70 9.76 4.62
N SER A 311 12.58 9.14 4.20
CA SER A 311 12.53 8.33 2.98
C SER A 311 11.06 8.10 2.62
N HIS A 312 10.82 7.30 1.57
CA HIS A 312 9.45 6.98 1.15
C HIS A 312 9.47 5.69 0.34
N GLU A 313 8.65 4.72 0.75
CA GLU A 313 8.57 3.37 0.17
C GLU A 313 9.79 2.50 0.53
N ILE A 314 9.61 1.17 0.53
CA ILE A 314 10.74 0.27 0.77
C ILE A 314 10.59 -1.13 0.17
N ILE A 315 9.38 -1.71 0.17
CA ILE A 315 9.32 -3.17 0.00
C ILE A 315 9.67 -3.67 -1.41
N ILE A 316 9.54 -2.87 -2.47
CA ILE A 316 10.00 -3.33 -3.78
C ILE A 316 11.33 -2.71 -4.20
N ARG A 317 12.07 -2.11 -3.26
CA ARG A 317 13.42 -1.64 -3.55
C ARG A 317 14.42 -2.77 -3.42
N SER A 318 15.40 -2.80 -4.34
CA SER A 318 16.35 -3.91 -4.37
C SER A 318 17.16 -4.02 -3.09
N HIS A 319 17.45 -2.88 -2.43
CA HIS A 319 18.24 -2.88 -1.20
C HIS A 319 17.36 -2.80 0.06
N TRP A 320 16.14 -3.32 -0.01
CA TRP A 320 15.23 -3.33 1.13
C TRP A 320 15.77 -4.16 2.30
N THR A 321 16.76 -5.01 2.06
CA THR A 321 17.36 -5.86 3.08
C THR A 321 18.29 -5.10 4.03
N ASP A 322 18.65 -3.86 3.71
CA ASP A 322 19.74 -3.19 4.43
C ASP A 322 19.30 -2.52 5.73
N VAL A 323 18.10 -1.98 5.81
CA VAL A 323 17.70 -1.22 7.01
C VAL A 323 17.36 -2.17 8.15
N GLN A 324 17.68 -1.74 9.38
CA GLN A 324 17.41 -2.52 10.58
C GLN A 324 16.91 -1.61 11.68
N VAL A 325 16.01 -2.13 12.51
CA VAL A 325 15.56 -1.50 13.75
C VAL A 325 15.90 -2.43 14.91
N LYS A 326 16.63 -1.90 15.90
CA LYS A 326 17.07 -2.70 17.05
C LYS A 326 17.80 -3.96 16.61
N GLY A 327 18.54 -3.89 15.50
CA GLY A 327 19.32 -5.01 15.00
C GLY A 327 18.58 -6.02 14.14
N THR A 328 17.30 -5.80 13.83
CA THR A 328 16.49 -6.73 13.04
C THR A 328 16.08 -6.10 11.72
N SER A 329 16.33 -6.81 10.61
CA SER A 329 15.97 -6.32 9.28
C SER A 329 14.46 -6.52 9.00
N LEU A 330 13.96 -5.84 7.96
CA LEU A 330 12.56 -6.01 7.59
C LEU A 330 12.24 -7.42 7.10
N PRO A 331 13.05 -8.05 6.22
CA PRO A 331 12.75 -9.45 5.86
C PRO A 331 12.71 -10.38 7.07
N ARG A 332 13.58 -10.17 8.07
CA ARG A 332 13.51 -10.99 9.28
C ARG A 332 12.22 -10.75 10.04
N ALA A 333 11.83 -9.48 10.23
CA ALA A 333 10.59 -9.17 10.94
C ALA A 333 9.37 -9.82 10.27
N LEU A 334 9.33 -9.82 8.94
CA LEU A 334 8.21 -10.46 8.24
C LEU A 334 8.21 -11.97 8.45
N HIS A 335 9.41 -12.60 8.44
CA HIS A 335 9.52 -14.02 8.77
C HIS A 335 9.03 -14.31 10.19
N CYS A 336 9.37 -13.45 11.15
CA CYS A 336 8.91 -13.62 12.52
C CYS A 336 7.38 -13.50 12.61
N TRP A 337 6.80 -12.58 11.84
CA TRP A 337 5.35 -12.45 11.72
C TRP A 337 4.72 -13.74 11.21
N ASP A 338 5.30 -14.35 10.16
CA ASP A 338 4.79 -15.63 9.68
C ASP A 338 4.78 -16.67 10.80
N ARG A 339 5.86 -16.75 11.57
CA ARG A 339 5.93 -17.71 12.68
C ARG A 339 4.87 -17.42 13.73
N SER A 340 4.61 -16.14 14.01
CA SER A 340 3.64 -15.76 15.03
C SER A 340 2.21 -16.13 14.64
N LEU A 341 1.94 -16.28 13.35
CA LEU A 341 0.61 -16.61 12.86
C LEU A 341 0.40 -18.11 12.66
N HIS A 342 1.38 -18.93 13.04
CA HIS A 342 1.14 -20.38 13.10
C HIS A 342 0.06 -20.68 14.14
N PRO A 351 5.18 -14.34 22.70
CA PRO A 351 6.29 -13.80 21.89
C PRO A 351 7.37 -14.84 21.62
N LEU A 352 8.18 -14.60 20.59
CA LEU A 352 9.19 -15.54 20.12
C LEU A 352 10.58 -15.07 20.52
N LYS A 353 11.36 -15.98 21.12
CA LYS A 353 12.71 -15.65 21.56
C LYS A 353 13.58 -15.25 20.37
N GLY A 354 14.06 -14.00 20.39
CA GLY A 354 14.95 -13.53 19.34
C GLY A 354 14.32 -13.29 17.99
N CYS A 355 12.99 -13.29 17.88
CA CYS A 355 12.28 -13.12 16.61
C CYS A 355 11.16 -12.09 16.80
N PRO A 356 11.51 -10.81 16.87
CA PRO A 356 10.50 -9.77 17.15
C PRO A 356 9.69 -9.38 15.92
N VAL A 357 8.48 -8.87 16.20
CA VAL A 357 7.58 -8.42 15.16
C VAL A 357 7.17 -6.95 15.29
N HIS A 358 7.35 -6.34 16.47
CA HIS A 358 7.04 -4.93 16.71
C HIS A 358 8.35 -4.16 16.88
N LEU A 359 8.69 -3.35 15.87
CA LEU A 359 10.02 -2.71 15.78
C LEU A 359 9.86 -1.23 15.39
N VAL A 360 9.83 -0.36 16.40
CA VAL A 360 9.62 1.07 16.19
C VAL A 360 10.78 1.83 16.83
N ASP A 361 11.48 2.65 16.04
CA ASP A 361 12.60 3.43 16.59
C ASP A 361 12.11 4.44 17.61
N SER A 362 12.97 4.72 18.61
CA SER A 362 12.67 5.71 19.63
C SER A 362 13.53 6.98 19.52
N CYS A 363 14.55 6.99 18.68
CA CYS A 363 15.37 8.19 18.58
C CYS A 363 14.67 9.25 17.75
N PRO A 364 14.90 10.54 18.03
CA PRO A 364 13.92 11.58 17.64
C PRO A 364 14.25 12.41 16.39
N TRP A 365 15.25 12.06 15.59
CA TRP A 365 15.63 12.90 14.44
C TRP A 365 15.99 12.03 13.24
N PRO A 366 15.66 12.45 12.01
CA PRO A 366 15.99 11.60 10.85
C PRO A 366 17.48 11.26 10.78
N HIS A 367 17.76 9.98 10.49
CA HIS A 367 19.10 9.41 10.37
C HIS A 367 19.80 9.20 11.71
N CYS A 368 19.07 9.29 12.83
CA CYS A 368 19.61 8.82 14.11
C CYS A 368 19.79 7.30 14.13
N ASN A 369 19.13 6.59 13.23
CA ASN A 369 19.39 5.17 12.95
C ASN A 369 20.49 5.09 11.89
N PRO A 370 21.63 4.45 12.17
CA PRO A 370 22.73 4.45 11.18
C PRO A 370 22.44 3.65 9.91
N SER A 371 21.41 2.79 9.90
CA SER A 371 21.13 1.97 8.73
C SER A 371 20.17 2.64 7.74
N CYS A 372 19.81 3.90 7.94
CA CYS A 372 18.86 4.57 7.06
C CYS A 372 19.41 4.63 5.62
N PRO A 373 18.53 4.64 4.62
CA PRO A 373 18.98 4.77 3.23
C PRO A 373 19.80 6.04 3.02
N THR A 374 20.85 5.90 2.22
CA THR A 374 21.72 7.01 1.88
C THR A 374 21.01 7.93 0.89
S SO4 B . -17.71 -3.89 2.07
O1 SO4 B . -17.17 -4.88 3.00
O2 SO4 B . -19.16 -3.80 2.25
O3 SO4 B . -17.10 -2.59 2.35
O4 SO4 B . -17.41 -4.29 0.70
S SO4 C . 3.57 8.46 -19.77
O1 SO4 C . 3.24 7.60 -18.60
O2 SO4 C . 3.14 7.74 -20.97
O3 SO4 C . 2.83 9.71 -19.64
O4 SO4 C . 4.99 8.66 -19.77
S SO4 D . -16.24 14.87 -15.47
O1 SO4 D . -14.88 14.38 -15.21
O2 SO4 D . -17.06 13.80 -16.02
O3 SO4 D . -16.86 15.37 -14.25
O4 SO4 D . -16.14 15.96 -16.45
S SO4 E . 3.61 -18.49 -15.80
O1 SO4 E . 3.69 -19.91 -15.53
O2 SO4 E . 4.55 -17.77 -14.93
O3 SO4 E . 2.25 -18.02 -15.52
O4 SO4 E . 3.93 -18.22 -17.19
S SO4 F . 9.90 0.65 22.21
O1 SO4 F . 11.28 1.05 21.98
O2 SO4 F . 9.85 -0.72 22.69
O3 SO4 F . 9.30 1.54 23.18
O4 SO4 F . 9.16 0.75 20.95
S SO4 G . -0.51 9.21 -1.74
O1 SO4 G . 0.83 9.55 -1.24
O2 SO4 G . -1.17 8.33 -0.78
O3 SO4 G . -1.30 10.42 -1.94
O4 SO4 G . -0.38 8.51 -3.02
S SO4 H . 10.32 -18.71 0.81
O1 SO4 H . 11.06 -19.96 0.65
O2 SO4 H . 9.49 -18.79 2.01
O3 SO4 H . 11.26 -17.60 0.93
O4 SO4 H . 9.46 -18.53 -0.37
S SO4 I . -20.07 -5.58 14.04
O1 SO4 I . -19.53 -6.66 13.20
O2 SO4 I . -20.56 -6.14 15.29
O3 SO4 I . -19.00 -4.61 14.31
O4 SO4 I . -21.15 -4.91 13.32
S SO4 J . 12.03 27.43 6.98
O1 SO4 J . 13.16 26.63 7.47
O2 SO4 J . 11.17 26.59 6.14
O3 SO4 J . 12.55 28.54 6.19
O4 SO4 J . 11.28 27.94 8.11
S SO4 K . 3.30 -0.51 -15.90
O1 SO4 K . 4.39 -1.49 -15.96
O2 SO4 K . 3.11 -0.07 -14.53
O3 SO4 K . 3.62 0.64 -16.75
O4 SO4 K . 2.07 -1.14 -16.38
S SO4 L . 6.53 -4.99 -25.58
O1 SO4 L . 6.22 -6.29 -26.18
O2 SO4 L . 6.39 -5.07 -24.13
O3 SO4 L . 7.90 -4.61 -25.90
O4 SO4 L . 5.60 -4.00 -26.10
C1 GOL M . 5.64 -23.67 -0.10
O1 GOL M . 4.27 -23.49 -0.03
C2 GOL M . 6.28 -22.40 0.47
O2 GOL M . 6.94 -22.64 1.66
C3 GOL M . 7.23 -21.88 -0.66
O3 GOL M . 7.02 -20.51 -0.79
C1 GOL N . 7.69 -22.26 16.33
O1 GOL N . 7.36 -21.11 17.03
C2 GOL N . 7.95 -21.84 14.87
O2 GOL N . 6.78 -21.67 14.17
C3 GOL N . 8.85 -22.93 14.27
O3 GOL N . 9.48 -22.35 13.18
C1 GOL O . 17.17 1.09 -4.36
O1 GOL O . 17.37 -0.10 -3.66
C2 GOL O . 15.93 0.87 -5.25
O2 GOL O . 15.54 2.04 -5.90
C3 GOL O . 16.33 -0.24 -6.22
O3 GOL O . 15.16 -0.81 -6.70
C1 GOL P . -13.79 -4.36 7.22
O1 GOL P . -13.24 -4.35 8.49
C2 GOL P . -15.13 -5.07 7.35
O2 GOL P . -15.97 -4.35 8.18
C3 GOL P . -15.66 -5.19 5.91
O3 GOL P . -15.63 -6.54 5.59
C1 NAG Q . -17.47 -7.88 -15.16
C2 NAG Q . -18.50 -8.85 -14.60
C3 NAG Q . -19.77 -8.11 -14.20
C4 NAG Q . -19.45 -6.96 -13.27
C5 NAG Q . -18.39 -6.05 -13.89
C6 NAG Q . -17.93 -4.95 -12.97
C7 NAG Q . -18.26 -11.13 -15.48
C8 NAG Q . -18.69 -12.09 -16.55
N2 NAG Q . -18.80 -9.91 -15.56
O3 NAG Q . -20.66 -9.02 -13.56
O4 NAG Q . -20.63 -6.20 -13.00
O5 NAG Q . -17.23 -6.82 -14.22
O6 NAG Q . -17.38 -5.47 -11.77
O7 NAG Q . -17.47 -11.45 -14.60
C02 U3W R . -1.14 12.36 1.32
C05 U3W R . 0.15 13.15 5.01
C06 U3W R . -2.06 13.00 3.61
C08 U3W R . -3.74 12.61 1.47
C09 U3W R . -4.04 11.12 1.58
C10 U3W R . -3.97 10.33 0.44
C11 U3W R . -4.22 8.97 0.55
C12 U3W R . -4.53 8.41 1.78
C13 U3W R . -4.58 9.20 2.91
C14 U3W R . -4.32 10.56 2.81
N04 U3W R . -0.54 12.91 3.77
N07 U3W R . -2.41 12.67 2.04
O01 U3W R . -1.05 12.08 0.18
O15 U3W R . -2.83 13.28 4.46
S03 U3W R . 0.09 12.52 2.40
S DMS S . 8.32 -8.21 20.01
O DMS S . 7.43 -8.09 18.80
C1 DMS S . 7.64 -9.55 21.01
C2 DMS S . 7.94 -6.83 21.13
#